data_6CKJ
#
_entry.id   6CKJ
#
_cell.length_a   93.783
_cell.length_b   155.056
_cell.length_c   38.777
_cell.angle_alpha   90.00
_cell.angle_beta   90.00
_cell.angle_gamma   90.00
#
_symmetry.space_group_name_H-M   'C 2 2 2'
#
loop_
_entity.id
_entity.type
_entity.pdbx_description
1 polymer 'N-acylneuraminate cytidylyltransferase'
2 non-polymer 'ACETATE ION'
3 non-polymer 'CALCIUM ION'
4 water water
#
_entity_poly.entity_id   1
_entity_poly.type   'polypeptide(L)'
_entity_poly.pdbx_seq_one_letter_code
;MEKQNIAVILARQNSKGLPLKNLRKMNGISLLGHTINAAISSKCFDRIIVSTDGGLIAEEAKNFGVEVVLRPAELASDTA
SSISGVIHALETIGSNSGTVTLLQPTSPLRTGAHIREAFSLFDEKIKGSVVSACPMEHHPLKTLLQINNGEYAPMRHLSD
LEQPRQQLPQAFRPNGAIYINDTASLIANNCFFIAPTKLYIMSHQDSIDIDTELDLQQAENILNHKES
;
_entity_poly.pdbx_strand_id   A
#
# COMPACT_ATOMS: atom_id res chain seq x y z
N MET A 1 -18.95 -0.93 20.70
CA MET A 1 -18.05 -1.53 19.73
C MET A 1 -16.59 -1.50 20.19
N GLU A 2 -16.04 -2.67 20.51
CA GLU A 2 -14.61 -2.75 20.76
C GLU A 2 -13.83 -2.48 19.48
N LYS A 3 -12.60 -2.01 19.66
CA LYS A 3 -11.75 -1.69 18.52
C LYS A 3 -11.35 -2.97 17.79
N GLN A 4 -11.23 -2.86 16.47
CA GLN A 4 -10.74 -3.96 15.66
C GLN A 4 -9.59 -3.48 14.79
N ASN A 5 -8.60 -4.35 14.59
CA ASN A 5 -7.56 -4.11 13.61
C ASN A 5 -7.93 -4.81 12.31
N ILE A 6 -8.16 -4.01 11.27
CA ILE A 6 -8.70 -4.48 10.00
C ILE A 6 -7.63 -4.34 8.93
N ALA A 7 -7.45 -5.38 8.12
CA ALA A 7 -6.69 -5.28 6.89
C ALA A 7 -7.64 -5.29 5.70
N VAL A 8 -7.44 -4.37 4.78
CA VAL A 8 -8.24 -4.31 3.56
C VAL A 8 -7.31 -4.48 2.38
N ILE A 9 -7.60 -5.47 1.55
CA ILE A 9 -6.85 -5.74 0.32
C ILE A 9 -7.77 -5.39 -0.84
N LEU A 10 -7.48 -4.31 -1.57
CA LEU A 10 -8.30 -3.91 -2.71
C LEU A 10 -7.79 -4.59 -3.97
N ALA A 11 -8.66 -5.34 -4.65
CA ALA A 11 -8.26 -6.12 -5.83
C ALA A 11 -9.43 -6.11 -6.81
N ARG A 12 -9.36 -5.25 -7.82
CA ARG A 12 -10.46 -5.25 -8.78
C ARG A 12 -10.10 -6.05 -10.02
N GLN A 13 -11.14 -6.52 -10.70
CA GLN A 13 -10.95 -7.41 -11.84
C GLN A 13 -10.30 -6.70 -13.01
N ASN A 14 -10.70 -5.46 -13.27
CA ASN A 14 -10.21 -4.70 -14.42
C ASN A 14 -9.13 -3.71 -13.98
N SER A 15 -8.01 -4.27 -13.51
CA SER A 15 -6.85 -3.45 -13.18
C SER A 15 -6.44 -2.61 -14.39
N LYS A 16 -5.99 -1.38 -14.13
CA LYS A 16 -5.78 -0.40 -15.19
C LYS A 16 -4.56 -0.71 -16.07
N GLY A 17 -3.80 -1.76 -15.80
CA GLY A 17 -2.63 -2.06 -16.59
C GLY A 17 -2.54 -3.50 -17.06
N LEU A 18 -1.58 -4.24 -16.52
CA LEU A 18 -1.43 -5.65 -16.87
C LEU A 18 -2.74 -6.39 -16.64
N PRO A 19 -3.20 -7.20 -17.59
CA PRO A 19 -4.51 -7.84 -17.44
C PRO A 19 -4.49 -8.92 -16.36
N LEU A 20 -5.53 -8.94 -15.53
CA LEU A 20 -5.73 -10.00 -14.54
C LEU A 20 -4.56 -10.07 -13.56
N LYS A 21 -3.95 -8.92 -13.27
CA LYS A 21 -2.73 -8.88 -12.50
C LYS A 21 -2.89 -9.56 -11.13
N ASN A 22 -4.01 -9.33 -10.46
CA ASN A 22 -4.15 -9.80 -9.07
C ASN A 22 -4.07 -11.32 -8.97
N LEU A 23 -4.41 -12.05 -10.02
CA LEU A 23 -4.37 -13.50 -9.96
C LEU A 23 -3.17 -14.10 -10.68
N ARG A 24 -2.26 -13.26 -11.19
CA ARG A 24 -1.04 -13.79 -11.80
C ARG A 24 -0.18 -14.46 -10.75
N LYS A 25 0.40 -15.60 -11.11
CA LYS A 25 1.13 -16.40 -10.15
C LYS A 25 2.60 -15.99 -10.09
N MET A 26 3.15 -16.01 -8.88
CA MET A 26 4.58 -15.85 -8.66
C MET A 26 5.01 -16.94 -7.69
N ASN A 27 5.87 -17.84 -8.15
CA ASN A 27 6.26 -18.99 -7.34
C ASN A 27 5.07 -19.88 -7.02
N GLY A 28 4.10 -19.94 -7.91
CA GLY A 28 2.96 -20.83 -7.71
C GLY A 28 1.87 -20.29 -6.81
N ILE A 29 1.92 -19.00 -6.46
CA ILE A 29 0.90 -18.37 -5.62
C ILE A 29 0.53 -17.04 -6.26
N SER A 30 -0.76 -16.76 -6.33
CA SER A 30 -1.20 -15.51 -6.94
C SER A 30 -0.65 -14.32 -6.16
N LEU A 31 -0.49 -13.19 -6.85
CA LEU A 31 -0.19 -11.94 -6.17
C LEU A 31 -1.14 -11.72 -5.01
N LEU A 32 -2.43 -11.94 -5.26
CA LEU A 32 -3.41 -11.79 -4.19
C LEU A 32 -3.07 -12.69 -3.02
N GLY A 33 -2.72 -13.95 -3.30
CA GLY A 33 -2.41 -14.89 -2.22
C GLY A 33 -1.18 -14.50 -1.43
N HIS A 34 -0.17 -13.96 -2.11
CA HIS A 34 1.03 -13.50 -1.39
C HIS A 34 0.66 -12.43 -0.36
N THR A 35 -0.23 -11.52 -0.73
CA THR A 35 -0.58 -10.46 0.21
C THR A 35 -1.51 -10.97 1.30
N ILE A 36 -2.43 -11.89 0.96
CA ILE A 36 -3.24 -12.50 2.02
C ILE A 36 -2.35 -13.25 3.01
N ASN A 37 -1.37 -14.02 2.49
CA ASN A 37 -0.49 -14.75 3.39
C ASN A 37 0.29 -13.81 4.30
N ALA A 38 0.74 -12.67 3.75
CA ALA A 38 1.42 -11.67 4.58
C ALA A 38 0.50 -11.16 5.68
N ALA A 39 -0.76 -10.86 5.34
CA ALA A 39 -1.70 -10.38 6.34
C ALA A 39 -1.94 -11.43 7.43
N ILE A 40 -2.16 -12.68 7.03
CA ILE A 40 -2.44 -13.73 8.02
C ILE A 40 -1.21 -13.97 8.90
N SER A 41 -0.04 -14.09 8.27
CA SER A 41 1.15 -14.44 9.05
C SER A 41 1.62 -13.30 9.93
N SER A 42 1.21 -12.05 9.64
CA SER A 42 1.58 -10.94 10.51
C SER A 42 0.96 -11.10 11.90
N LYS A 43 -0.16 -11.81 11.99
CA LYS A 43 -0.94 -11.89 13.21
C LYS A 43 -1.30 -10.51 13.77
N CYS A 44 -1.35 -9.48 12.92
CA CYS A 44 -1.71 -8.14 13.36
C CYS A 44 -3.21 -7.86 13.33
N PHE A 45 -4.00 -8.69 12.65
CA PHE A 45 -5.34 -8.29 12.26
C PHE A 45 -6.41 -9.17 12.88
N ASP A 46 -7.48 -8.52 13.35
CA ASP A 46 -8.69 -9.24 13.75
C ASP A 46 -9.52 -9.65 12.55
N ARG A 47 -9.48 -8.86 11.48
CA ARG A 47 -10.29 -9.08 10.29
C ARG A 47 -9.41 -8.82 9.07
N ILE A 48 -9.49 -9.70 8.07
CA ILE A 48 -8.81 -9.51 6.80
C ILE A 48 -9.87 -9.58 5.71
N ILE A 49 -10.02 -8.49 4.95
CA ILE A 49 -11.05 -8.37 3.94
C ILE A 49 -10.39 -8.19 2.58
N VAL A 50 -10.84 -8.95 1.59
CA VAL A 50 -10.52 -8.66 0.19
C VAL A 50 -11.74 -7.99 -0.42
N SER A 51 -11.55 -6.78 -0.96
CA SER A 51 -12.63 -6.03 -1.58
C SER A 51 -12.46 -6.10 -3.09
N THR A 52 -13.47 -6.61 -3.79
CA THR A 52 -13.29 -6.91 -5.20
C THR A 52 -14.62 -6.82 -5.91
N ASP A 53 -14.56 -6.65 -7.23
CA ASP A 53 -15.72 -6.76 -8.09
C ASP A 53 -15.72 -8.03 -8.92
N GLY A 54 -14.65 -8.81 -8.87
CA GLY A 54 -14.47 -9.94 -9.78
C GLY A 54 -14.75 -11.27 -9.10
N GLY A 55 -15.43 -12.15 -9.83
CA GLY A 55 -15.79 -13.45 -9.27
C GLY A 55 -14.58 -14.34 -9.01
N LEU A 56 -13.61 -14.35 -9.93
CA LEU A 56 -12.44 -15.20 -9.72
C LEU A 56 -11.60 -14.72 -8.54
N ILE A 57 -11.46 -13.40 -8.39
CA ILE A 57 -10.73 -12.85 -7.25
C ILE A 57 -11.44 -13.20 -5.94
N ALA A 58 -12.77 -13.09 -5.93
CA ALA A 58 -13.52 -13.45 -4.73
C ALA A 58 -13.31 -14.91 -4.39
N GLU A 59 -13.37 -15.79 -5.38
CA GLU A 59 -13.19 -17.21 -5.07
C GLU A 59 -11.79 -17.47 -4.53
N GLU A 60 -10.79 -16.79 -5.06
CA GLU A 60 -9.44 -16.95 -4.53
C GLU A 60 -9.38 -16.50 -3.08
N ALA A 61 -9.95 -15.33 -2.78
CA ALA A 61 -9.94 -14.86 -1.40
C ALA A 61 -10.61 -15.85 -0.47
N LYS A 62 -11.75 -16.40 -0.88
CA LYS A 62 -12.41 -17.39 -0.02
C LYS A 62 -11.56 -18.63 0.17
N ASN A 63 -10.84 -19.06 -0.86
CA ASN A 63 -9.98 -20.23 -0.74
C ASN A 63 -8.82 -20.00 0.21
N PHE A 64 -8.38 -18.76 0.39
CA PHE A 64 -7.35 -18.44 1.37
C PHE A 64 -7.91 -18.18 2.76
N GLY A 65 -9.22 -18.29 2.94
CA GLY A 65 -9.80 -18.20 4.27
C GLY A 65 -10.01 -16.80 4.78
N VAL A 66 -10.24 -15.82 3.91
CA VAL A 66 -10.49 -14.47 4.37
C VAL A 66 -11.85 -14.00 3.90
N GLU A 67 -12.29 -12.87 4.45
CA GLU A 67 -13.59 -12.31 4.11
C GLU A 67 -13.53 -11.60 2.78
N VAL A 68 -14.68 -11.55 2.11
CA VAL A 68 -14.83 -10.88 0.83
C VAL A 68 -15.92 -9.82 0.96
N VAL A 69 -15.63 -8.62 0.47
CA VAL A 69 -16.61 -7.56 0.28
C VAL A 69 -16.72 -7.36 -1.22
N LEU A 70 -17.93 -7.44 -1.76
CA LEU A 70 -18.13 -7.24 -3.19
C LEU A 70 -18.34 -5.75 -3.43
N ARG A 71 -17.52 -5.18 -4.28
CA ARG A 71 -17.65 -3.78 -4.60
C ARG A 71 -18.53 -3.61 -5.83
N PRO A 72 -19.56 -2.77 -5.79
CA PRO A 72 -20.34 -2.49 -7.00
C PRO A 72 -19.52 -1.74 -8.02
N ALA A 73 -20.01 -1.75 -9.27
CA ALA A 73 -19.25 -1.22 -10.39
C ALA A 73 -18.77 0.20 -10.13
N GLU A 74 -19.61 1.03 -9.50
CA GLU A 74 -19.21 2.43 -9.34
C GLU A 74 -18.01 2.58 -8.40
N LEU A 75 -17.69 1.57 -7.59
CA LEU A 75 -16.54 1.63 -6.71
C LEU A 75 -15.35 0.82 -7.23
N ALA A 76 -15.47 0.20 -8.40
CA ALA A 76 -14.40 -0.60 -8.98
C ALA A 76 -14.04 -0.09 -10.37
N SER A 77 -14.32 1.17 -10.65
CA SER A 77 -14.05 1.76 -11.97
C SER A 77 -12.66 2.39 -11.99
N ASP A 78 -12.25 2.79 -13.18
CA ASP A 78 -10.94 3.45 -13.30
C ASP A 78 -10.90 4.80 -12.60
N THR A 79 -12.05 5.42 -12.32
CA THR A 79 -12.05 6.70 -11.60
C THR A 79 -12.28 6.56 -10.10
N ALA A 80 -12.65 5.37 -9.62
CA ALA A 80 -12.95 5.22 -8.20
C ALA A 80 -11.67 5.30 -7.35
N SER A 81 -11.72 6.09 -6.28
CA SER A 81 -10.57 6.23 -5.41
C SER A 81 -10.37 4.99 -4.56
N SER A 82 -9.11 4.74 -4.17
CA SER A 82 -8.84 3.67 -3.21
C SER A 82 -9.50 3.95 -1.87
N ILE A 83 -9.52 5.21 -1.44
CA ILE A 83 -10.11 5.51 -0.14
C ILE A 83 -11.59 5.12 -0.12
N SER A 84 -12.31 5.37 -1.21
CA SER A 84 -13.73 5.03 -1.22
C SER A 84 -13.94 3.51 -1.12
N GLY A 85 -13.03 2.72 -1.68
CA GLY A 85 -13.13 1.28 -1.51
C GLY A 85 -12.91 0.84 -0.08
N VAL A 86 -11.92 1.44 0.60
CA VAL A 86 -11.67 1.08 1.99
C VAL A 86 -12.83 1.51 2.87
N ILE A 87 -13.35 2.72 2.66
CA ILE A 87 -14.51 3.18 3.43
C ILE A 87 -15.68 2.22 3.24
N HIS A 88 -15.92 1.80 1.98
CA HIS A 88 -17.02 0.89 1.70
C HIS A 88 -16.84 -0.44 2.40
N ALA A 89 -15.61 -0.97 2.39
CA ALA A 89 -15.34 -2.24 3.09
C ALA A 89 -15.62 -2.11 4.58
N LEU A 90 -15.13 -1.01 5.20
CA LEU A 90 -15.38 -0.79 6.62
C LEU A 90 -16.88 -0.68 6.92
N GLU A 91 -17.62 0.03 6.06
CA GLU A 91 -19.06 0.16 6.29
C GLU A 91 -19.74 -1.19 6.17
N THR A 92 -19.28 -2.01 5.22
CA THR A 92 -19.90 -3.32 4.99
C THR A 92 -19.73 -4.23 6.19
N ILE A 93 -18.55 -4.26 6.80
CA ILE A 93 -18.38 -5.13 7.96
C ILE A 93 -18.75 -4.44 9.26
N GLY A 94 -19.03 -3.15 9.23
CA GLY A 94 -19.50 -2.44 10.40
C GLY A 94 -18.42 -2.06 11.39
N SER A 95 -17.26 -1.64 10.93
CA SER A 95 -16.19 -1.22 11.82
C SER A 95 -15.91 0.26 11.62
N ASN A 96 -15.95 1.03 12.70
CA ASN A 96 -15.53 2.42 12.63
C ASN A 96 -14.54 2.78 13.74
N SER A 97 -13.92 1.78 14.36
CA SER A 97 -13.07 2.06 15.51
C SER A 97 -11.96 1.03 15.58
N GLY A 98 -10.72 1.51 15.67
CA GLY A 98 -9.57 0.63 15.75
C GLY A 98 -8.52 1.08 14.74
N THR A 99 -7.96 0.15 13.99
CA THR A 99 -7.02 0.49 12.91
C THR A 99 -7.45 -0.17 11.63
N VAL A 100 -7.06 0.44 10.52
CA VAL A 100 -7.33 -0.13 9.21
C VAL A 100 -6.06 0.00 8.41
N THR A 101 -5.65 -1.08 7.77
CA THR A 101 -4.41 -1.13 7.02
C THR A 101 -4.72 -1.51 5.59
N LEU A 102 -4.24 -0.70 4.65
CA LEU A 102 -4.37 -1.01 3.25
C LEU A 102 -3.15 -1.80 2.79
N LEU A 103 -3.40 -2.96 2.18
CA LEU A 103 -2.34 -3.83 1.66
C LEU A 103 -2.61 -4.08 0.18
N GLN A 104 -1.82 -3.48 -0.67
CA GLN A 104 -2.08 -3.63 -2.09
C GLN A 104 -1.40 -4.90 -2.62
N PRO A 105 -2.08 -5.73 -3.41
CA PRO A 105 -1.43 -6.94 -3.93
C PRO A 105 -0.26 -6.66 -4.86
N THR A 106 -0.09 -5.44 -5.35
CA THR A 106 1.02 -5.14 -6.24
C THR A 106 2.35 -5.01 -5.51
N SER A 107 2.40 -5.25 -4.19
CA SER A 107 3.64 -5.27 -3.42
C SER A 107 3.87 -6.66 -2.83
N PRO A 108 4.22 -7.64 -3.65
CA PRO A 108 4.27 -9.03 -3.19
C PRO A 108 5.49 -9.38 -2.33
N LEU A 109 6.52 -8.54 -2.30
CA LEU A 109 7.67 -8.82 -1.44
C LEU A 109 7.51 -8.21 -0.05
N ARG A 110 6.39 -7.54 0.21
CA ARG A 110 6.11 -7.05 1.56
C ARG A 110 5.52 -8.21 2.38
N THR A 111 6.22 -8.62 3.43
CA THR A 111 5.92 -9.84 4.17
C THR A 111 5.13 -9.53 5.44
N GLY A 112 4.67 -10.61 6.09
CA GLY A 112 4.04 -10.47 7.39
C GLY A 112 4.96 -9.86 8.42
N ALA A 113 6.26 -10.18 8.35
CA ALA A 113 7.21 -9.55 9.25
C ALA A 113 7.29 -8.04 9.00
N HIS A 114 7.29 -7.63 7.73
CA HIS A 114 7.23 -6.19 7.44
C HIS A 114 6.01 -5.57 8.06
N ILE A 115 4.85 -6.23 7.94
CA ILE A 115 3.63 -5.67 8.49
C ILE A 115 3.75 -5.51 10.01
N ARG A 116 4.24 -6.56 10.71
CA ARG A 116 4.40 -6.46 12.15
C ARG A 116 5.35 -5.34 12.53
N GLU A 117 6.49 -5.24 11.81
CA GLU A 117 7.44 -4.17 12.07
C GLU A 117 6.82 -2.80 11.85
N ALA A 118 6.05 -2.63 10.78
CA ALA A 118 5.36 -1.37 10.57
C ALA A 118 4.37 -1.09 11.70
N PHE A 119 3.59 -2.10 12.08
CA PHE A 119 2.58 -1.89 13.12
C PHE A 119 3.20 -1.41 14.42
N SER A 120 4.42 -1.85 14.73
CA SER A 120 5.05 -1.47 15.98
C SER A 120 5.32 0.01 16.05
N LEU A 121 5.35 0.70 14.90
CA LEU A 121 5.53 2.14 14.88
C LEU A 121 4.24 2.91 15.09
N PHE A 122 3.08 2.28 14.98
CA PHE A 122 1.83 3.03 15.07
C PHE A 122 1.61 3.49 16.50
N ASP A 123 1.27 4.77 16.68
CA ASP A 123 1.10 5.36 18.00
C ASP A 123 -0.39 5.44 18.30
N GLU A 124 -0.88 4.62 19.23
CA GLU A 124 -2.31 4.53 19.45
C GLU A 124 -2.88 5.80 20.09
N LYS A 125 -2.04 6.66 20.65
CA LYS A 125 -2.53 7.90 21.26
C LYS A 125 -2.53 9.06 20.27
N ILE A 126 -1.50 9.18 19.45
CA ILE A 126 -1.37 10.33 18.56
C ILE A 126 -2.03 10.05 17.22
N LYS A 127 -1.95 8.80 16.73
CA LYS A 127 -2.80 8.29 15.65
C LYS A 127 -2.46 8.85 14.28
N GLY A 128 -1.21 9.25 14.04
CA GLY A 128 -0.79 9.52 12.68
C GLY A 128 -0.62 8.23 11.90
N SER A 129 -0.61 8.36 10.57
CA SER A 129 -0.41 7.22 9.69
C SER A 129 0.96 6.60 9.88
N VAL A 130 1.05 5.30 9.63
CA VAL A 130 2.31 4.63 9.35
C VAL A 130 2.30 4.20 7.89
N VAL A 131 3.31 4.63 7.14
CA VAL A 131 3.36 4.39 5.71
C VAL A 131 4.69 3.74 5.39
N SER A 132 4.68 2.65 4.64
CA SER A 132 5.94 2.04 4.26
C SER A 132 6.58 2.89 3.16
N ALA A 133 7.91 3.00 3.19
CA ALA A 133 8.62 3.90 2.30
C ALA A 133 9.98 3.32 1.98
N CYS A 134 10.55 3.75 0.86
CA CYS A 134 11.90 3.33 0.51
C CYS A 134 12.75 4.54 0.17
N PRO A 135 14.06 4.40 0.24
CA PRO A 135 14.93 5.53 -0.06
C PRO A 135 14.80 5.93 -1.52
N MET A 136 14.95 7.23 -1.76
CA MET A 136 14.87 7.78 -3.12
C MET A 136 16.18 7.51 -3.85
N GLU A 137 16.08 6.91 -5.04
CA GLU A 137 17.25 6.76 -5.88
C GLU A 137 17.85 8.12 -6.21
N HIS A 138 17.01 9.04 -6.68
CA HIS A 138 17.44 10.39 -7.04
C HIS A 138 16.94 11.35 -5.98
N HIS A 139 17.85 12.12 -5.38
CA HIS A 139 17.45 12.91 -4.23
C HIS A 139 16.44 13.99 -4.64
N PRO A 140 15.32 14.12 -3.94
CA PRO A 140 14.30 15.09 -4.37
C PRO A 140 14.70 16.54 -4.21
N LEU A 141 15.72 16.86 -3.42
CA LEU A 141 16.21 18.23 -3.41
C LEU A 141 17.03 18.57 -4.64
N LYS A 142 17.49 17.55 -5.38
CA LYS A 142 18.26 17.80 -6.59
C LYS A 142 17.34 17.84 -7.79
N THR A 143 16.28 18.64 -7.69
CA THR A 143 15.29 18.76 -8.74
C THR A 143 14.90 20.22 -8.88
N LEU A 144 14.27 20.53 -10.00
CA LEU A 144 13.68 21.82 -10.23
C LEU A 144 12.22 21.63 -10.60
N LEU A 145 11.38 22.55 -10.16
CA LEU A 145 9.95 22.47 -10.43
C LEU A 145 9.56 23.58 -11.39
N GLN A 146 8.65 23.26 -12.29
CA GLN A 146 8.14 24.25 -13.22
C GLN A 146 7.25 25.24 -12.48
N ILE A 147 7.50 26.52 -12.70
CA ILE A 147 6.68 27.58 -12.13
C ILE A 147 5.93 28.36 -13.22
N ASN A 148 6.62 28.71 -14.31
CA ASN A 148 6.01 29.22 -15.52
C ASN A 148 6.41 28.31 -16.68
N ASN A 149 5.79 28.53 -17.84
CA ASN A 149 6.17 27.78 -19.04
C ASN A 149 7.62 28.06 -19.39
N GLY A 150 8.45 26.99 -19.38
CA GLY A 150 9.86 27.14 -19.64
C GLY A 150 10.67 27.80 -18.54
N GLU A 151 10.06 28.02 -17.37
CA GLU A 151 10.76 28.58 -16.21
C GLU A 151 10.70 27.59 -15.05
N TYR A 152 11.84 27.43 -14.39
CA TYR A 152 11.99 26.39 -13.38
C TYR A 152 12.66 26.99 -12.16
N ALA A 153 12.34 26.45 -11.00
CA ALA A 153 12.99 26.89 -9.76
C ALA A 153 13.46 25.69 -8.96
N PRO A 154 14.60 25.79 -8.26
CA PRO A 154 15.05 24.68 -7.42
C PRO A 154 14.01 24.28 -6.40
N MET A 155 13.95 22.98 -6.12
CA MET A 155 13.06 22.49 -5.07
C MET A 155 13.27 23.25 -3.77
N ARG A 156 14.53 23.48 -3.41
CA ARG A 156 14.87 24.24 -2.22
C ARG A 156 15.92 25.28 -2.57
N HIS A 157 17.22 24.94 -2.51
CA HIS A 157 18.25 25.88 -2.91
C HIS A 157 18.98 25.40 -4.15
N LEU A 158 19.41 26.35 -4.98
CA LEU A 158 20.19 25.96 -6.15
C LEU A 158 21.45 25.20 -5.73
N SER A 159 22.03 25.54 -4.59
CA SER A 159 23.23 24.86 -4.12
C SER A 159 22.98 23.39 -3.79
N ASP A 160 21.74 23.00 -3.50
CA ASP A 160 21.49 21.59 -3.27
C ASP A 160 21.81 20.74 -4.50
N LEU A 161 21.69 21.31 -5.71
CA LEU A 161 21.87 20.51 -6.93
C LEU A 161 23.28 19.95 -7.04
N GLU A 162 24.26 20.57 -6.39
CA GLU A 162 25.65 20.14 -6.45
C GLU A 162 26.13 19.57 -5.11
N GLN A 163 25.27 19.51 -4.12
CA GLN A 163 25.69 19.03 -2.80
C GLN A 163 25.93 17.53 -2.86
N PRO A 164 26.98 17.03 -2.20
CA PRO A 164 27.11 15.58 -2.02
C PRO A 164 25.88 15.05 -1.29
N ARG A 165 25.29 13.99 -1.84
CA ARG A 165 24.04 13.47 -1.32
C ARG A 165 24.10 13.23 0.18
N GLN A 166 25.21 12.72 0.69
CA GLN A 166 25.31 12.45 2.11
C GLN A 166 25.27 13.71 2.96
N GLN A 167 25.43 14.88 2.36
CA GLN A 167 25.27 16.14 3.07
C GLN A 167 23.83 16.66 3.01
N LEU A 168 22.95 15.95 2.34
CA LEU A 168 21.56 16.35 2.27
C LEU A 168 20.71 15.50 3.22
N PRO A 169 19.60 16.02 3.73
CA PRO A 169 18.71 15.20 4.56
C PRO A 169 18.32 13.93 3.83
N GLN A 170 18.22 12.83 4.57
CA GLN A 170 17.77 11.59 3.97
C GLN A 170 16.32 11.74 3.49
N ALA A 171 16.03 11.16 2.33
CA ALA A 171 14.72 11.33 1.69
C ALA A 171 14.12 9.97 1.39
N PHE A 172 12.79 9.89 1.49
CA PHE A 172 12.05 8.64 1.34
C PHE A 172 10.76 8.89 0.58
N ARG A 173 10.33 7.88 -0.17
CA ARG A 173 9.02 7.98 -0.79
C ARG A 173 8.14 6.81 -0.38
N PRO A 174 6.86 7.04 -0.18
CA PRO A 174 5.94 5.92 0.05
C PRO A 174 6.02 4.93 -1.09
N ASN A 175 6.07 3.65 -0.76
CA ASN A 175 6.22 2.63 -1.78
C ASN A 175 4.93 1.90 -2.09
N GLY A 176 3.83 2.22 -1.41
CA GLY A 176 2.53 1.64 -1.69
C GLY A 176 2.25 0.34 -0.98
N ALA A 177 3.20 -0.21 -0.22
CA ALA A 177 3.03 -1.55 0.30
C ALA A 177 2.12 -1.61 1.51
N ILE A 178 2.18 -0.60 2.39
CA ILE A 178 1.47 -0.60 3.67
C ILE A 178 1.04 0.82 4.01
N TYR A 179 -0.23 1.02 4.32
CA TYR A 179 -0.71 2.25 4.94
C TYR A 179 -1.54 1.87 6.16
N ILE A 180 -1.10 2.27 7.36
CA ILE A 180 -1.78 1.97 8.61
C ILE A 180 -2.38 3.26 9.16
N ASN A 181 -3.67 3.22 9.49
CA ASN A 181 -4.34 4.40 10.03
C ASN A 181 -5.28 4.02 11.17
N ASP A 182 -5.49 4.99 12.06
CA ASP A 182 -6.62 4.92 12.97
C ASP A 182 -7.90 4.95 12.15
N THR A 183 -8.84 4.04 12.46
CA THR A 183 -10.02 3.89 11.61
C THR A 183 -10.88 5.14 11.63
N ALA A 184 -11.21 5.64 12.82
CA ALA A 184 -12.06 6.81 12.89
C ALA A 184 -11.41 8.00 12.16
N SER A 185 -10.08 8.13 12.26
CA SER A 185 -9.39 9.23 11.59
C SER A 185 -9.43 9.07 10.07
N LEU A 186 -9.24 7.84 9.58
CA LEU A 186 -9.34 7.62 8.14
C LEU A 186 -10.75 7.95 7.64
N ILE A 187 -11.78 7.55 8.38
CA ILE A 187 -13.14 7.91 7.97
C ILE A 187 -13.32 9.43 7.98
N ALA A 188 -12.83 10.10 9.02
CA ALA A 188 -13.06 11.55 9.14
C ALA A 188 -12.27 12.31 8.09
N ASN A 189 -11.03 11.93 7.84
CA ASN A 189 -10.19 12.67 6.92
C ASN A 189 -10.36 12.22 5.48
N ASN A 190 -10.88 11.02 5.26
CA ASN A 190 -11.10 10.50 3.90
C ASN A 190 -9.80 10.49 3.09
N CYS A 191 -8.71 10.05 3.71
CA CYS A 191 -7.44 9.93 3.02
C CYS A 191 -6.53 9.01 3.83
N PHE A 192 -5.42 8.61 3.21
CA PHE A 192 -4.51 7.64 3.83
C PHE A 192 -3.33 8.27 4.55
N PHE A 193 -3.06 9.56 4.33
CA PHE A 193 -1.93 10.24 4.94
C PHE A 193 -2.47 11.22 5.96
N ILE A 194 -2.26 10.91 7.24
CA ILE A 194 -2.83 11.65 8.35
C ILE A 194 -1.67 12.05 9.25
N ALA A 195 -1.55 13.34 9.53
CA ALA A 195 -0.42 13.79 10.33
C ALA A 195 -0.60 13.37 11.79
N PRO A 196 0.52 13.14 12.52
CA PRO A 196 1.91 13.12 12.02
C PRO A 196 2.30 11.75 11.46
N THR A 197 2.72 11.72 10.20
CA THR A 197 2.97 10.46 9.52
C THR A 197 4.33 9.90 9.92
N LYS A 198 4.35 8.63 10.27
CA LYS A 198 5.59 7.91 10.52
C LYS A 198 5.89 6.99 9.34
N LEU A 199 7.17 6.79 9.07
CA LEU A 199 7.60 5.94 7.97
C LEU A 199 8.16 4.63 8.50
N TYR A 200 7.77 3.54 7.86
CA TYR A 200 8.40 2.25 8.03
C TYR A 200 9.29 2.03 6.83
N ILE A 201 10.60 1.99 7.04
CA ILE A 201 11.55 1.98 5.93
C ILE A 201 11.73 0.57 5.41
N MET A 202 11.61 0.41 4.10
CA MET A 202 11.85 -0.84 3.40
C MET A 202 12.95 -0.66 2.36
N SER A 203 13.57 -1.77 1.98
CA SER A 203 14.60 -1.70 0.95
C SER A 203 13.96 -1.51 -0.43
N HIS A 204 14.77 -1.05 -1.38
CA HIS A 204 14.33 -0.99 -2.77
C HIS A 204 13.85 -2.35 -3.25
N GLN A 205 14.62 -3.39 -2.94
CA GLN A 205 14.27 -4.74 -3.36
C GLN A 205 12.88 -5.13 -2.86
N ASP A 206 12.63 -4.99 -1.56
CA ASP A 206 11.34 -5.39 -1.01
C ASP A 206 10.21 -4.46 -1.42
N SER A 207 10.51 -3.30 -2.01
CA SER A 207 9.52 -2.30 -2.37
C SER A 207 9.02 -2.44 -3.81
N ILE A 208 9.40 -3.52 -4.51
CA ILE A 208 9.04 -3.67 -5.91
C ILE A 208 7.52 -3.64 -6.08
N ASP A 209 7.08 -2.86 -7.08
CA ASP A 209 5.66 -2.72 -7.41
CA ASP A 209 5.67 -2.69 -7.42
C ASP A 209 5.41 -3.35 -8.78
N ILE A 210 4.46 -4.26 -8.83
CA ILE A 210 4.19 -5.03 -10.05
C ILE A 210 3.27 -4.21 -10.95
N ASP A 211 3.80 -3.82 -12.12
CA ASP A 211 3.00 -3.19 -13.16
C ASP A 211 3.21 -3.88 -14.50
N THR A 212 4.38 -4.49 -14.69
CA THR A 212 4.75 -5.10 -15.96
C THR A 212 5.03 -6.59 -15.78
N GLU A 213 5.06 -7.30 -16.91
CA GLU A 213 5.48 -8.69 -16.90
C GLU A 213 6.89 -8.83 -16.35
N LEU A 214 7.76 -7.85 -16.62
CA LEU A 214 9.14 -7.93 -16.16
C LEU A 214 9.25 -7.70 -14.66
N ASP A 215 8.40 -6.83 -14.10
CA ASP A 215 8.31 -6.72 -12.65
C ASP A 215 7.98 -8.06 -12.02
N LEU A 216 7.08 -8.82 -12.65
CA LEU A 216 6.70 -10.14 -12.13
C LEU A 216 7.91 -11.07 -12.06
N GLN A 217 8.68 -11.15 -13.14
CA GLN A 217 9.83 -12.04 -13.14
C GLN A 217 10.90 -11.57 -12.17
N GLN A 218 11.18 -10.27 -12.17
CA GLN A 218 12.14 -9.72 -11.21
C GLN A 218 11.75 -10.08 -9.78
N ALA A 219 10.48 -9.89 -9.44
CA ALA A 219 10.01 -10.27 -8.11
C ALA A 219 10.23 -11.76 -7.86
N GLU A 220 10.00 -12.59 -8.88
CA GLU A 220 10.25 -14.02 -8.73
C GLU A 220 11.74 -14.31 -8.56
N ASN A 221 12.59 -13.65 -9.35
CA ASN A 221 14.04 -13.83 -9.19
C ASN A 221 14.49 -13.48 -7.78
N ILE A 222 13.93 -12.41 -7.20
CA ILE A 222 14.32 -12.00 -5.85
C ILE A 222 13.94 -13.08 -4.83
N LEU A 223 12.74 -13.65 -4.98
CA LEU A 223 12.30 -14.68 -4.04
C LEU A 223 13.27 -15.87 -3.99
N ASN A 224 14.10 -16.04 -5.02
CA ASN A 224 15.09 -17.11 -5.03
C ASN A 224 16.43 -16.62 -4.47
N HIS A 225 16.38 -16.21 -3.21
CA HIS A 225 17.56 -15.77 -2.47
C HIS A 225 18.37 -14.74 -3.26
#